data_4ZEV
#
_entry.id   4ZEV
#
_cell.length_a   77.600
_cell.length_b   44.500
_cell.length_c   84.500
_cell.angle_alpha   90.00
_cell.angle_beta   101.30
_cell.angle_gamma   90.00
#
_symmetry.space_group_name_H-M   'P 1 21 1'
#
loop_
_entity.id
_entity.type
_entity.pdbx_description
1 polymer PfHAD1
2 non-polymer 'MAGNESIUM ION'
3 non-polymer 6-O-phosphono-alpha-D-mannopyranose
4 non-polymer 'PHOSPHATE ION'
5 water water
#
_entity_poly.entity_id   1
_entity_poly.type   'polypeptide(L)'
_entity_poly.pdbx_seq_one_letter_code
;MAHHHHHHMHEIVDKNGKKVQKNNLNDEIKIIFTALDGTLLNSENKVSEQNLESLIRAQEKGIKVVIATGRSIFSVENVI
GEHVKKNRISLLPGIYMNGCVTFDEKGSRVIDRIMNNDLKMEIHEFSKQINISKYAIWFCLEKTYCFEINDCIREYMEVE
ALNPDVIEDNMLEGLTVYKVLFSLPENILENTLKLCREKFSHRINVANTFQSYVELFHQHTNKFEGVKEICKYYNISLNN
ALAMGDGENDIEMLSGLTHSVGVHNASEKVKNSAAYVGPSNNEHAISHVLKTFCDI
;
_entity_poly.pdbx_strand_id   A,B
#
# COMPACT_ATOMS: atom_id res chain seq x y z
N HIS A 7 20.44 13.65 13.04
CA HIS A 7 19.37 14.62 12.69
C HIS A 7 18.13 14.45 13.58
N HIS A 8 17.22 15.42 13.50
CA HIS A 8 16.00 15.47 14.30
C HIS A 8 14.77 14.92 13.58
N MET A 9 14.99 14.40 12.38
CA MET A 9 13.91 14.13 11.46
C MET A 9 12.94 13.03 11.93
N HIS A 10 13.49 12.01 12.57
CA HIS A 10 12.73 10.86 13.04
C HIS A 10 12.39 10.75 14.53
N GLU A 11 12.78 11.73 15.34
CA GLU A 11 12.60 11.66 16.79
C GLU A 11 11.21 12.04 17.30
N ILE A 12 10.89 11.51 18.49
CA ILE A 12 9.71 11.89 19.25
C ILE A 12 10.18 12.43 20.60
N VAL A 13 9.73 13.64 20.97
CA VAL A 13 10.21 14.30 22.19
C VAL A 13 9.07 14.86 23.03
N ASP A 14 9.34 15.01 24.32
CA ASP A 14 8.35 15.58 25.25
C ASP A 14 8.38 17.10 25.21
N LYS A 15 7.64 17.74 26.11
CA LYS A 15 7.48 19.19 26.10
C LYS A 15 8.79 19.91 26.39
N ASN A 16 9.71 19.21 27.03
CA ASN A 16 11.03 19.75 27.36
C ASN A 16 12.06 19.50 26.26
N GLY A 17 11.66 18.78 25.21
CA GLY A 17 12.53 18.51 24.10
C GLY A 17 13.35 17.24 24.24
N LYS A 18 13.08 16.44 25.29
CA LYS A 18 13.81 15.20 25.51
C LYS A 18 13.17 14.02 24.79
N LYS A 19 14.00 13.12 24.25
CA LYS A 19 13.48 11.97 23.51
C LYS A 19 12.69 11.08 24.45
N VAL A 20 11.59 10.53 23.95
CA VAL A 20 10.84 9.61 24.76
C VAL A 20 11.49 8.24 24.67
N GLN A 21 11.73 7.63 25.83
CA GLN A 21 12.36 6.30 25.88
C GLN A 21 11.41 5.20 26.34
N LYS A 22 11.42 4.08 25.60
CA LYS A 22 10.57 2.94 25.90
C LYS A 22 10.65 2.50 27.37
N ASN A 23 11.86 2.43 27.93
CA ASN A 23 12.03 1.91 29.28
C ASN A 23 11.51 2.85 30.37
N ASN A 24 11.22 4.10 30.00
CA ASN A 24 10.61 5.05 30.92
C ASN A 24 9.09 5.06 30.85
N LEU A 25 8.54 4.39 29.85
CA LEU A 25 7.09 4.28 29.71
C LEU A 25 6.52 3.19 30.62
N ASN A 26 5.49 3.55 31.37
CA ASN A 26 4.76 2.61 32.23
C ASN A 26 3.41 2.12 31.67
N ASP A 27 3.06 2.53 30.46
CA ASP A 27 1.81 2.10 29.82
C ASP A 27 2.12 1.37 28.51
N GLU A 28 1.62 0.15 28.39
CA GLU A 28 1.60 -0.52 27.10
C GLU A 28 0.65 0.26 26.21
N ILE A 29 1.01 0.47 24.95
CA ILE A 29 0.10 1.09 23.99
C ILE A 29 -0.49 -0.03 23.17
N LYS A 30 -1.79 -0.25 23.38
CA LYS A 30 -2.53 -1.27 22.66
C LYS A 30 -3.22 -0.85 21.37
N ILE A 31 -3.40 0.45 21.23
CA ILE A 31 -4.19 0.96 20.15
C ILE A 31 -3.73 2.36 19.81
N ILE A 32 -3.70 2.65 18.51
CA ILE A 32 -3.29 3.95 18.02
C ILE A 32 -4.38 4.52 17.17
N PHE A 33 -4.76 5.76 17.50
CA PHE A 33 -5.74 6.49 16.73
C PHE A 33 -4.99 7.52 15.91
N THR A 34 -5.22 7.54 14.62
CA THR A 34 -4.47 8.49 13.78
C THR A 34 -5.34 9.22 12.79
N ALA A 35 -5.07 10.52 12.68
CA ALA A 35 -5.61 11.32 11.59
C ALA A 35 -5.03 10.79 10.28
N LEU A 36 -5.72 11.05 9.16
CA LEU A 36 -5.26 10.50 7.90
C LEU A 36 -4.42 11.51 7.14
N ASP A 37 -5.08 12.47 6.53
CA ASP A 37 -4.40 13.53 5.83
C ASP A 37 -3.56 14.33 6.81
N GLY A 38 -2.34 14.66 6.42
CA GLY A 38 -1.49 15.47 7.27
C GLY A 38 -0.81 14.75 8.41
N THR A 39 -1.16 13.48 8.65
CA THR A 39 -0.57 12.71 9.75
C THR A 39 -0.09 11.35 9.24
N LEU A 40 -1.00 10.46 8.88
CA LEU A 40 -0.56 9.16 8.37
C LEU A 40 -0.11 9.24 6.92
N LEU A 41 -0.86 10.01 6.13
CA LEU A 41 -0.57 10.19 4.71
C LEU A 41 0.42 11.30 4.57
N ASN A 42 1.36 11.14 3.65
CA ASN A 42 2.31 12.20 3.35
C ASN A 42 1.68 13.27 2.45
N SER A 43 2.47 14.27 2.06
CA SER A 43 1.93 15.38 1.26
C SER A 43 1.39 14.93 -0.11
N GLU A 44 1.76 13.73 -0.55
CA GLU A 44 1.20 13.13 -1.77
C GLU A 44 -0.07 12.29 -1.50
N ASN A 45 -0.52 12.29 -0.25
CA ASN A 45 -1.70 11.53 0.18
C ASN A 45 -1.49 10.02 0.04
N LYS A 46 -0.28 9.61 0.34
CA LYS A 46 0.11 8.21 0.27
C LYS A 46 0.63 7.76 1.62
N VAL A 47 0.53 6.45 1.85
CA VAL A 47 1.19 5.82 2.97
C VAL A 47 2.59 5.44 2.52
N SER A 48 3.58 6.02 3.18
CA SER A 48 4.96 5.77 2.81
C SER A 48 5.29 4.30 3.01
N GLU A 49 6.29 3.80 2.30
CA GLU A 49 6.68 2.41 2.46
C GLU A 49 7.13 2.13 3.89
N GLN A 50 7.88 3.05 4.50
CA GLN A 50 8.33 2.85 5.87
C GLN A 50 7.13 2.77 6.80
N ASN A 51 6.13 3.63 6.60
CA ASN A 51 4.93 3.53 7.42
C ASN A 51 4.22 2.20 7.19
N LEU A 52 4.07 1.81 5.92
CA LEU A 52 3.40 0.56 5.59
C LEU A 52 4.08 -0.64 6.25
N GLU A 53 5.40 -0.68 6.15
CA GLU A 53 6.17 -1.76 6.75
C GLU A 53 5.92 -1.87 8.25
N SER A 54 5.80 -0.73 8.92
CA SER A 54 5.59 -0.71 10.37
CA SER A 54 5.58 -0.67 10.37
C SER A 54 4.16 -1.08 10.73
N LEU A 55 3.22 -0.79 9.84
CA LEU A 55 1.83 -1.18 10.03
C LEU A 55 1.67 -2.69 9.90
N ILE A 56 2.49 -3.29 9.05
CA ILE A 56 2.45 -4.72 8.88
C ILE A 56 2.93 -5.35 10.17
N ARG A 57 3.99 -4.83 10.76
CA ARG A 57 4.49 -5.34 12.03
CA ARG A 57 4.51 -5.31 12.04
C ARG A 57 3.52 -5.10 13.18
N ALA A 58 2.85 -3.95 13.16
CA ALA A 58 1.83 -3.65 14.16
C ALA A 58 0.73 -4.70 14.12
N GLN A 59 0.31 -5.08 12.92
CA GLN A 59 -0.72 -6.11 12.81
C GLN A 59 -0.24 -7.46 13.34
N GLU A 60 1.01 -7.82 13.03
CA GLU A 60 1.60 -9.05 13.52
C GLU A 60 1.61 -9.10 15.04
N LYS A 61 1.77 -7.93 15.68
CA LYS A 61 1.85 -7.83 17.13
C LYS A 61 0.52 -7.58 17.84
N GLY A 62 -0.57 -7.43 17.08
CA GLY A 62 -1.89 -7.25 17.66
C GLY A 62 -2.20 -5.82 18.09
N ILE A 63 -1.38 -4.87 17.65
CA ILE A 63 -1.65 -3.46 17.93
C ILE A 63 -2.76 -3.01 16.99
N LYS A 64 -3.79 -2.39 17.53
CA LYS A 64 -4.87 -1.87 16.69
C LYS A 64 -4.55 -0.45 16.20
N VAL A 65 -4.78 -0.21 14.92
CA VAL A 65 -4.59 1.12 14.35
C VAL A 65 -5.94 1.54 13.80
N VAL A 66 -6.44 2.64 14.33
CA VAL A 66 -7.77 3.12 14.01
C VAL A 66 -7.68 4.50 13.37
N ILE A 67 -8.31 4.63 12.21
CA ILE A 67 -8.40 5.91 11.55
C ILE A 67 -9.39 6.81 12.30
N ALA A 68 -8.97 8.06 12.52
CA ALA A 68 -9.83 9.06 13.11
C ALA A 68 -9.76 10.28 12.23
N THR A 69 -10.85 10.56 11.55
CA THR A 69 -10.82 11.51 10.46
C THR A 69 -12.10 12.31 10.34
N GLY A 70 -11.98 13.46 9.68
CA GLY A 70 -13.14 14.24 9.27
C GLY A 70 -13.81 13.63 8.04
N ARG A 71 -13.09 12.81 7.31
CA ARG A 71 -13.59 12.19 6.10
C ARG A 71 -14.73 11.20 6.38
N SER A 72 -15.55 10.91 5.38
CA SER A 72 -16.39 9.72 5.43
C SER A 72 -15.58 8.48 5.15
N ILE A 73 -16.10 7.34 5.58
CA ILE A 73 -15.43 6.09 5.34
C ILE A 73 -15.29 5.86 3.84
N PHE A 74 -16.23 6.38 3.05
CA PHE A 74 -16.19 6.19 1.60
C PHE A 74 -15.00 6.87 0.95
N SER A 75 -14.64 8.06 1.39
CA SER A 75 -13.50 8.73 0.75
C SER A 75 -12.19 8.12 1.26
N VAL A 76 -12.18 7.66 2.51
CA VAL A 76 -11.00 7.00 3.04
C VAL A 76 -10.70 5.76 2.20
N GLU A 77 -11.73 4.97 1.89
CA GLU A 77 -11.51 3.78 1.07
C GLU A 77 -11.02 4.13 -0.33
N ASN A 78 -11.44 5.28 -0.83
CA ASN A 78 -10.93 5.75 -2.13
C ASN A 78 -9.47 6.19 -2.10
N VAL A 79 -8.99 6.70 -0.99
CA VAL A 79 -7.59 7.11 -0.90
C VAL A 79 -6.61 5.96 -0.56
N ILE A 80 -6.94 5.18 0.46
CA ILE A 80 -6.09 4.06 0.93
C ILE A 80 -6.59 2.64 0.56
N GLY A 81 -7.56 2.55 -0.35
CA GLY A 81 -8.18 1.28 -0.67
C GLY A 81 -7.25 0.11 -0.95
N GLU A 82 -6.07 0.34 -1.53
CA GLU A 82 -5.18 -0.79 -1.84
C GLU A 82 -4.71 -1.45 -0.53
N HIS A 83 -4.56 -0.65 0.51
CA HIS A 83 -4.17 -1.16 1.82
C HIS A 83 -5.32 -1.83 2.53
N VAL A 84 -6.52 -1.27 2.36
CA VAL A 84 -7.72 -1.84 2.96
C VAL A 84 -7.99 -3.22 2.36
N LYS A 85 -7.84 -3.32 1.04
CA LYS A 85 -8.12 -4.57 0.34
C LYS A 85 -7.17 -5.69 0.79
N LYS A 86 -5.94 -5.32 1.15
CA LYS A 86 -4.96 -6.28 1.63
C LYS A 86 -5.06 -6.47 3.15
N ASN A 87 -6.03 -5.82 3.77
CA ASN A 87 -6.29 -5.93 5.20
C ASN A 87 -5.11 -5.42 6.01
N ARG A 88 -4.32 -4.53 5.40
CA ARG A 88 -3.23 -3.87 6.09
C ARG A 88 -3.64 -2.68 6.92
N ILE A 89 -4.72 -2.04 6.51
CA ILE A 89 -5.35 -1.00 7.33
C ILE A 89 -6.83 -1.34 7.42
N SER A 90 -7.35 -1.35 8.63
CA SER A 90 -8.76 -1.65 8.87
CA SER A 90 -8.76 -1.65 8.87
C SER A 90 -9.56 -0.37 9.02
N LEU A 91 -10.68 -0.29 8.31
CA LEU A 91 -11.56 0.86 8.42
C LEU A 91 -12.65 0.69 9.48
N LEU A 92 -12.88 -0.53 9.90
CA LEU A 92 -13.83 -0.87 10.98
C LEU A 92 -13.08 -1.56 12.11
N PRO A 93 -13.08 -1.00 13.33
CA PRO A 93 -13.73 0.24 13.74
C PRO A 93 -13.01 1.44 13.15
N GLY A 94 -13.69 2.56 13.12
CA GLY A 94 -13.12 3.80 12.63
C GLY A 94 -13.97 4.96 13.07
N ILE A 95 -13.30 6.10 13.13
CA ILE A 95 -13.87 7.35 13.58
C ILE A 95 -13.92 8.29 12.37
N TYR A 96 -15.13 8.59 11.92
CA TYR A 96 -15.38 9.34 10.69
C TYR A 96 -16.18 10.60 10.98
N MET A 97 -16.11 11.55 10.05
CA MET A 97 -16.81 12.83 10.19
C MET A 97 -16.58 13.46 11.56
N ASN A 98 -15.33 13.40 11.99
CA ASN A 98 -14.90 14.02 13.22
C ASN A 98 -15.58 13.45 14.43
N GLY A 99 -15.94 12.17 14.34
CA GLY A 99 -16.57 11.47 15.41
C GLY A 99 -18.06 11.29 15.20
N CYS A 100 -18.66 12.09 14.32
CA CYS A 100 -20.12 12.13 14.20
C CYS A 100 -20.62 10.83 13.62
N VAL A 101 -19.74 10.13 12.91
CA VAL A 101 -20.02 8.77 12.52
C VAL A 101 -18.86 7.92 12.95
N THR A 102 -19.10 7.13 13.99
CA THR A 102 -18.06 6.27 14.52
C THR A 102 -18.60 4.87 14.47
N PHE A 103 -17.86 3.99 13.81
CA PHE A 103 -18.24 2.61 13.60
C PHE A 103 -17.49 1.69 14.52
N ASP A 104 -18.18 0.68 15.04
CA ASP A 104 -17.49 -0.45 15.62
C ASP A 104 -17.04 -1.43 14.52
N GLU A 105 -16.46 -2.54 14.92
CA GLU A 105 -15.91 -3.48 13.94
C GLU A 105 -16.96 -4.17 13.08
N LYS A 106 -18.22 -4.12 13.50
CA LYS A 106 -19.32 -4.66 12.70
C LYS A 106 -19.97 -3.61 11.82
N GLY A 107 -19.44 -2.38 11.81
CA GLY A 107 -19.95 -1.33 10.96
C GLY A 107 -21.19 -0.68 11.53
N SER A 108 -21.46 -0.95 12.80
CA SER A 108 -22.55 -0.33 13.51
C SER A 108 -22.11 1.03 13.99
N ARG A 109 -23.01 2.00 14.00
CA ARG A 109 -22.60 3.33 14.43
C ARG A 109 -22.80 3.45 15.94
N VAL A 110 -21.68 3.49 16.65
CA VAL A 110 -21.67 3.68 18.11
C VAL A 110 -21.77 5.16 18.42
N ILE A 111 -21.43 5.99 17.44
CA ILE A 111 -21.82 7.40 17.44
C ILE A 111 -22.48 7.78 16.13
N ASP A 112 -23.68 8.34 16.24
CA ASP A 112 -24.37 8.85 15.08
C ASP A 112 -24.88 10.23 15.44
N ARG A 113 -24.22 11.28 14.96
CA ARG A 113 -24.60 12.60 15.40
C ARG A 113 -25.00 13.45 14.23
N ILE A 114 -26.30 13.58 14.09
CA ILE A 114 -26.91 14.18 12.94
C ILE A 114 -27.07 15.63 13.29
N MET A 115 -26.90 16.49 12.31
CA MET A 115 -27.11 17.91 12.53
C MET A 115 -28.62 18.24 12.54
N ASN A 116 -29.04 18.95 13.58
CA ASN A 116 -30.41 19.42 13.68
C ASN A 116 -30.78 20.19 12.41
N ASN A 117 -31.98 19.94 11.89
CA ASN A 117 -32.34 20.45 10.58
C ASN A 117 -32.56 21.94 10.55
N ASP A 118 -33.09 22.53 11.62
CA ASP A 118 -33.16 23.99 11.69
C ASP A 118 -31.76 24.60 11.65
N LEU A 119 -30.84 24.01 12.37
CA LEU A 119 -29.47 24.53 12.40
C LEU A 119 -28.79 24.40 11.02
N LYS A 120 -28.99 23.25 10.38
CA LYS A 120 -28.55 23.04 9.01
C LYS A 120 -28.99 24.18 8.11
N MET A 121 -30.28 24.52 8.17
CA MET A 121 -30.82 25.51 7.26
C MET A 121 -30.33 26.91 7.65
N GLU A 122 -30.06 27.11 8.93
CA GLU A 122 -29.54 28.39 9.38
C GLU A 122 -28.11 28.57 8.91
N ILE A 123 -27.33 27.51 8.99
CA ILE A 123 -25.98 27.53 8.44
C ILE A 123 -26.02 27.75 6.95
N HIS A 124 -26.91 27.04 6.26
CA HIS A 124 -27.05 27.21 4.83
C HIS A 124 -27.36 28.65 4.44
N GLU A 125 -28.38 29.22 5.05
CA GLU A 125 -28.77 30.60 4.77
C GLU A 125 -27.64 31.58 5.11
N PHE A 126 -26.97 31.34 6.24
CA PHE A 126 -25.84 32.19 6.61
C PHE A 126 -24.76 32.09 5.54
N SER A 127 -24.45 30.86 5.12
CA SER A 127 -23.45 30.67 4.08
C SER A 127 -23.83 31.36 2.78
N LYS A 128 -25.11 31.40 2.43
CA LYS A 128 -25.52 32.13 1.23
C LYS A 128 -25.37 33.62 1.45
N GLN A 129 -25.63 34.07 2.67
CA GLN A 129 -25.53 35.49 3.02
C GLN A 129 -24.08 36.00 2.95
N ILE A 130 -23.12 35.20 3.42
CA ILE A 130 -21.72 35.61 3.35
C ILE A 130 -21.01 35.05 2.10
N ASN A 131 -21.79 34.42 1.23
CA ASN A 131 -21.38 33.99 -0.12
C ASN A 131 -20.31 32.88 -0.13
N ILE A 132 -20.31 32.05 0.91
CA ILE A 132 -19.48 30.84 0.90
C ILE A 132 -20.28 29.55 0.58
N SER A 133 -21.56 29.67 0.29
CA SER A 133 -22.37 28.50 -0.04
CA SER A 133 -22.37 28.50 -0.04
C SER A 133 -21.83 27.80 -1.28
N LYS A 134 -21.23 28.56 -2.19
CA LYS A 134 -20.65 27.97 -3.40
C LYS A 134 -19.40 27.14 -3.10
N TYR A 135 -18.86 27.28 -1.90
CA TYR A 135 -17.75 26.47 -1.41
C TYR A 135 -18.16 25.28 -0.51
N ALA A 136 -19.46 25.09 -0.34
CA ALA A 136 -19.98 24.11 0.58
C ALA A 136 -20.04 22.71 0.00
N ILE A 137 -19.57 21.76 0.81
CA ILE A 137 -19.83 20.35 0.61
C ILE A 137 -20.56 19.82 1.84
N TRP A 138 -21.81 19.44 1.64
CA TRP A 138 -22.65 18.90 2.69
C TRP A 138 -22.56 17.38 2.73
N PHE A 139 -22.44 16.85 3.94
CA PHE A 139 -22.21 15.43 4.15
C PHE A 139 -23.44 14.74 4.70
N CYS A 140 -24.04 13.87 3.89
CA CYS A 140 -24.99 12.91 4.37
C CYS A 140 -24.23 11.66 4.78
N LEU A 141 -24.94 10.67 5.26
CA LEU A 141 -24.29 9.45 5.71
C LEU A 141 -23.52 8.79 4.58
N GLU A 142 -24.21 8.57 3.46
CA GLU A 142 -23.63 7.82 2.34
C GLU A 142 -23.12 8.64 1.13
N LYS A 143 -23.36 9.95 1.12
CA LYS A 143 -23.08 10.76 -0.07
C LYS A 143 -22.74 12.18 0.34
N THR A 144 -22.06 12.90 -0.54
CA THR A 144 -21.80 14.32 -0.33
C THR A 144 -22.40 15.13 -1.48
N TYR A 145 -22.71 16.39 -1.17
CA TYR A 145 -23.40 17.29 -2.07
C TYR A 145 -22.75 18.66 -2.09
N CYS A 146 -22.78 19.29 -3.27
CA CYS A 146 -22.38 20.67 -3.43
C CYS A 146 -23.33 21.37 -4.40
N PHE A 147 -23.29 22.70 -4.41
CA PHE A 147 -24.19 23.47 -5.26
C PHE A 147 -23.62 24.00 -6.55
N GLU A 148 -22.31 23.85 -6.71
CA GLU A 148 -21.66 24.23 -7.95
C GLU A 148 -20.24 23.70 -7.93
N ILE A 149 -19.55 23.90 -9.04
CA ILE A 149 -18.17 23.48 -9.16
C ILE A 149 -17.33 24.69 -9.57
N ASN A 150 -16.31 24.95 -8.78
CA ASN A 150 -15.37 26.01 -9.02
C ASN A 150 -13.99 25.48 -8.63
N ASP A 151 -12.95 26.28 -8.81
CA ASP A 151 -11.61 25.81 -8.54
C ASP A 151 -11.46 25.33 -7.10
N CYS A 152 -12.20 25.91 -6.17
CA CYS A 152 -12.12 25.50 -4.77
C CYS A 152 -12.79 24.15 -4.56
N ILE A 153 -13.94 23.96 -5.19
CA ILE A 153 -14.60 22.64 -5.15
C ILE A 153 -13.75 21.60 -5.89
N ARG A 154 -13.17 22.00 -7.02
CA ARG A 154 -12.26 21.12 -7.76
C ARG A 154 -11.09 20.69 -6.90
N GLU A 155 -10.47 21.64 -6.19
CA GLU A 155 -9.33 21.32 -5.35
C GLU A 155 -9.73 20.33 -4.24
N TYR A 156 -10.92 20.53 -3.67
CA TYR A 156 -11.44 19.59 -2.67
C TYR A 156 -11.63 18.19 -3.27
N MET A 157 -12.24 18.13 -4.45
CA MET A 157 -12.49 16.85 -5.12
C MET A 157 -11.21 16.08 -5.37
N GLU A 158 -10.15 16.78 -5.76
CA GLU A 158 -8.89 16.14 -6.11
C GLU A 158 -8.26 15.46 -4.90
N VAL A 159 -8.24 16.16 -3.77
CA VAL A 159 -7.63 15.63 -2.55
C VAL A 159 -8.58 14.63 -1.86
N GLU A 160 -9.87 14.95 -1.81
CA GLU A 160 -10.83 14.09 -1.15
C GLU A 160 -10.92 12.74 -1.86
N ALA A 161 -10.81 12.79 -3.20
CA ALA A 161 -10.91 11.62 -4.08
C ALA A 161 -12.29 10.99 -4.06
N LEU A 162 -13.28 11.78 -3.68
CA LEU A 162 -14.67 11.39 -3.83
CA LEU A 162 -14.67 11.39 -3.83
C LEU A 162 -15.49 12.62 -4.20
N ASN A 163 -16.19 12.56 -5.33
CA ASN A 163 -16.86 13.75 -5.84
C ASN A 163 -18.29 13.94 -5.34
N PRO A 164 -18.60 15.15 -4.84
CA PRO A 164 -19.99 15.40 -4.46
C PRO A 164 -20.90 15.43 -5.68
N ASP A 165 -22.16 15.08 -5.49
CA ASP A 165 -23.17 15.32 -6.50
C ASP A 165 -23.50 16.80 -6.48
N VAL A 166 -23.72 17.38 -7.66
CA VAL A 166 -24.18 18.76 -7.74
C VAL A 166 -25.71 18.77 -7.62
N ILE A 167 -26.23 19.54 -6.67
CA ILE A 167 -27.67 19.63 -6.45
C ILE A 167 -28.11 21.08 -6.35
N GLU A 168 -29.42 21.29 -6.48
CA GLU A 168 -30.01 22.61 -6.32
C GLU A 168 -30.13 22.98 -4.85
N ASP A 169 -30.11 24.28 -4.58
CA ASP A 169 -30.24 24.86 -3.25
C ASP A 169 -31.39 24.29 -2.43
N ASN A 170 -32.55 24.12 -3.07
CA ASN A 170 -33.77 23.73 -2.37
C ASN A 170 -33.80 22.25 -1.98
N MET A 171 -32.81 21.50 -2.44
CA MET A 171 -32.74 20.09 -2.09
C MET A 171 -32.13 19.88 -0.70
N LEU A 172 -31.45 20.88 -0.14
CA LEU A 172 -30.77 20.69 1.14
C LEU A 172 -31.76 20.40 2.26
N GLU A 173 -32.92 21.04 2.21
CA GLU A 173 -33.91 20.91 3.27
C GLU A 173 -34.28 19.44 3.55
N GLY A 174 -34.37 18.64 2.49
CA GLY A 174 -34.76 17.25 2.62
C GLY A 174 -33.62 16.28 2.96
N LEU A 175 -32.39 16.77 2.93
CA LEU A 175 -31.21 15.95 3.27
C LEU A 175 -31.02 15.86 4.78
N THR A 176 -30.57 14.71 5.23
CA THR A 176 -30.12 14.51 6.59
C THR A 176 -28.59 14.54 6.61
N VAL A 177 -28.03 15.56 7.27
CA VAL A 177 -26.59 15.85 7.22
C VAL A 177 -25.88 15.75 8.57
N TYR A 178 -24.64 15.28 8.53
CA TYR A 178 -23.68 15.29 9.64
C TYR A 178 -22.74 16.49 9.76
N LYS A 179 -22.30 17.02 8.62
CA LYS A 179 -21.40 18.14 8.64
C LYS A 179 -21.44 18.91 7.34
N VAL A 180 -20.92 20.12 7.38
CA VAL A 180 -20.62 20.83 6.15
C VAL A 180 -19.14 21.19 6.19
N LEU A 181 -18.52 21.05 5.03
CA LEU A 181 -17.15 21.46 4.78
C LEU A 181 -17.15 22.56 3.75
N PHE A 182 -16.56 23.68 4.11
CA PHE A 182 -16.32 24.76 3.17
C PHE A 182 -14.91 24.67 2.63
N SER A 183 -14.75 24.50 1.32
CA SER A 183 -13.42 24.58 0.76
C SER A 183 -13.28 26.02 0.30
N LEU A 184 -12.55 26.78 1.11
CA LEU A 184 -12.47 28.22 0.93
C LEU A 184 -11.26 28.65 0.12
N PRO A 185 -11.36 29.78 -0.60
CA PRO A 185 -10.17 30.48 -1.06
C PRO A 185 -9.29 30.86 0.12
N GLU A 186 -7.98 30.83 -0.04
CA GLU A 186 -7.08 31.20 1.03
C GLU A 186 -7.39 32.63 1.51
N ASN A 187 -7.68 33.52 0.57
CA ASN A 187 -7.82 34.93 0.91
C ASN A 187 -8.96 35.24 1.88
N ILE A 188 -10.06 34.48 1.84
CA ILE A 188 -11.16 34.69 2.80
C ILE A 188 -11.19 33.74 3.99
N LEU A 189 -10.23 32.85 4.12
CA LEU A 189 -10.25 31.89 5.23
C LEU A 189 -10.39 32.56 6.59
N GLU A 190 -9.46 33.44 6.93
CA GLU A 190 -9.35 33.94 8.30
C GLU A 190 -10.60 34.69 8.72
N ASN A 191 -11.13 35.50 7.82
CA ASN A 191 -12.32 36.29 8.12
C ASN A 191 -13.54 35.41 8.21
N THR A 192 -13.63 34.41 7.34
CA THR A 192 -14.78 33.50 7.30
C THR A 192 -14.81 32.67 8.57
N LEU A 193 -13.65 32.19 8.97
CA LEU A 193 -13.52 31.50 10.24
C LEU A 193 -14.04 32.35 11.41
N LYS A 194 -13.69 33.64 11.42
CA LYS A 194 -14.19 34.55 12.47
C LYS A 194 -15.72 34.68 12.42
N LEU A 195 -16.25 34.87 11.22
CA LEU A 195 -17.69 35.04 11.07
C LEU A 195 -18.46 33.81 11.54
N CYS A 196 -17.98 32.62 11.18
CA CYS A 196 -18.65 31.38 11.55
C CYS A 196 -18.59 31.13 13.03
N ARG A 197 -17.46 31.47 13.65
CA ARG A 197 -17.29 31.21 15.07
C ARG A 197 -18.13 32.17 15.90
N GLU A 198 -18.36 33.38 15.39
CA GLU A 198 -19.14 34.37 16.15
C GLU A 198 -20.63 34.07 16.07
N LYS A 199 -21.05 33.64 14.89
CA LYS A 199 -22.45 33.36 14.63
C LYS A 199 -22.87 32.07 15.34
N PHE A 200 -22.03 31.06 15.20
CA PHE A 200 -22.38 29.71 15.64
C PHE A 200 -21.77 29.18 16.96
N SER A 201 -21.13 30.02 17.77
CA SER A 201 -20.64 29.55 19.07
C SER A 201 -21.76 28.98 19.94
N HIS A 202 -21.46 27.88 20.63
CA HIS A 202 -22.43 27.13 21.43
C HIS A 202 -23.60 26.64 20.57
N ARG A 203 -23.33 26.49 19.28
CA ARG A 203 -24.31 25.97 18.33
C ARG A 203 -23.66 24.79 17.63
N ILE A 204 -22.49 25.02 17.04
CA ILE A 204 -21.83 23.99 16.25
C ILE A 204 -20.30 24.03 16.41
N ASN A 205 -19.61 22.91 16.20
CA ASN A 205 -18.14 22.95 16.15
C ASN A 205 -17.71 23.61 14.86
N VAL A 206 -16.66 24.42 14.93
CA VAL A 206 -16.10 25.08 13.76
C VAL A 206 -14.60 24.83 13.79
N ALA A 207 -14.08 24.11 12.79
CA ALA A 207 -12.68 23.73 12.79
C ALA A 207 -11.99 24.01 11.46
N ASN A 208 -10.81 24.59 11.51
CA ASN A 208 -10.04 24.74 10.29
C ASN A 208 -9.15 23.50 10.28
N THR A 209 -9.54 22.53 9.46
CA THR A 209 -8.99 21.18 9.56
C THR A 209 -7.70 20.93 8.77
N PHE A 210 -7.68 21.42 7.55
CA PHE A 210 -6.54 21.30 6.64
C PHE A 210 -6.57 22.54 5.79
N GLN A 211 -5.42 23.18 5.61
CA GLN A 211 -5.33 24.31 4.70
C GLN A 211 -6.47 25.32 4.93
N SER A 212 -7.25 25.58 3.88
CA SER A 212 -8.36 26.51 3.90
C SER A 212 -9.72 25.85 4.13
N TYR A 213 -9.73 24.56 4.48
CA TYR A 213 -10.99 23.90 4.73
C TYR A 213 -11.56 24.21 6.12
N VAL A 214 -12.85 24.56 6.16
CA VAL A 214 -13.57 24.83 7.41
C VAL A 214 -14.73 23.83 7.56
N GLU A 215 -14.74 23.10 8.66
CA GLU A 215 -15.74 22.07 8.89
C GLU A 215 -16.62 22.42 10.07
N LEU A 216 -17.93 22.25 9.88
CA LEU A 216 -18.91 22.46 10.93
C LEU A 216 -19.65 21.14 11.22
N PHE A 217 -19.69 20.75 12.47
CA PHE A 217 -20.24 19.44 12.86
C PHE A 217 -20.68 19.52 14.31
N HIS A 218 -21.44 18.52 14.73
CA HIS A 218 -22.16 18.55 15.99
C HIS A 218 -21.29 19.03 17.14
N GLN A 219 -21.79 20.03 17.87
CA GLN A 219 -20.92 20.77 18.76
C GLN A 219 -20.44 19.97 19.97
N HIS A 220 -21.15 18.89 20.32
CA HIS A 220 -20.77 18.01 21.42
C HIS A 220 -19.99 16.77 21.01
N THR A 221 -19.63 16.71 19.74
CA THR A 221 -18.93 15.55 19.22
C THR A 221 -17.58 16.00 18.64
N ASN A 222 -16.63 15.08 18.70
CA ASN A 222 -15.30 15.29 18.16
C ASN A 222 -14.64 13.94 18.10
N LYS A 223 -13.40 13.88 17.60
CA LYS A 223 -12.73 12.58 17.43
C LYS A 223 -12.52 11.85 18.75
N PHE A 224 -12.31 12.61 19.83
CA PHE A 224 -12.03 11.99 21.11
C PHE A 224 -13.25 11.24 21.63
N GLU A 225 -14.46 11.72 21.30
CA GLU A 225 -15.66 10.98 21.67
C GLU A 225 -15.63 9.63 21.00
N GLY A 226 -15.21 9.59 19.75
CA GLY A 226 -15.02 8.33 19.04
C GLY A 226 -13.97 7.47 19.70
N VAL A 227 -12.85 8.09 20.07
CA VAL A 227 -11.77 7.38 20.74
C VAL A 227 -12.29 6.67 22.00
N LYS A 228 -13.09 7.36 22.79
CA LYS A 228 -13.59 6.78 24.03
C LYS A 228 -14.50 5.57 23.75
N GLU A 229 -15.34 5.67 22.75
CA GLU A 229 -16.24 4.55 22.41
C GLU A 229 -15.47 3.33 21.94
N ILE A 230 -14.42 3.52 21.13
CA ILE A 230 -13.70 2.39 20.58
CA ILE A 230 -13.69 2.39 20.58
C ILE A 230 -12.83 1.75 21.66
N CYS A 231 -12.24 2.56 22.55
CA CYS A 231 -11.51 2.03 23.68
C CYS A 231 -12.45 1.23 24.60
N LYS A 232 -13.64 1.77 24.82
CA LYS A 232 -14.64 1.09 25.61
C LYS A 232 -14.94 -0.27 25.00
N TYR A 233 -15.14 -0.29 23.68
CA TYR A 233 -15.47 -1.53 22.99
C TYR A 233 -14.51 -2.67 23.34
N TYR A 234 -13.21 -2.39 23.29
CA TYR A 234 -12.16 -3.41 23.45
C TYR A 234 -11.68 -3.52 24.88
N ASN A 235 -12.38 -2.84 25.79
CA ASN A 235 -12.00 -2.83 27.18
C ASN A 235 -10.57 -2.33 27.34
N ILE A 236 -10.24 -1.27 26.61
CA ILE A 236 -8.91 -0.68 26.68
C ILE A 236 -8.98 0.62 27.47
N SER A 237 -8.18 0.70 28.53
CA SER A 237 -8.07 1.96 29.26
C SER A 237 -7.50 3.03 28.37
N LEU A 238 -7.91 4.28 28.58
CA LEU A 238 -7.40 5.40 27.79
C LEU A 238 -5.88 5.51 27.93
N ASN A 239 -5.35 5.03 29.05
CA ASN A 239 -3.93 5.12 29.31
C ASN A 239 -3.12 4.16 28.45
N ASN A 240 -3.79 3.19 27.84
CA ASN A 240 -3.18 2.29 26.87
C ASN A 240 -3.41 2.69 25.41
N ALA A 241 -3.98 3.88 25.19
CA ALA A 241 -4.26 4.38 23.85
C ALA A 241 -3.33 5.53 23.52
N LEU A 242 -3.03 5.71 22.25
CA LEU A 242 -2.24 6.85 21.83
C LEU A 242 -2.92 7.49 20.64
N ALA A 243 -2.93 8.82 20.60
CA ALA A 243 -3.51 9.52 19.46
C ALA A 243 -2.43 10.30 18.76
N MET A 244 -2.50 10.37 17.44
CA MET A 244 -1.59 11.23 16.69
C MET A 244 -2.35 12.03 15.67
N GLY A 245 -1.93 13.28 15.49
CA GLY A 245 -2.68 14.19 14.67
C GLY A 245 -1.90 15.44 14.30
N ASP A 246 -2.54 16.25 13.46
CA ASP A 246 -1.94 17.41 12.77
C ASP A 246 -2.83 18.65 12.91
N GLY A 247 -4.14 18.50 12.72
CA GLY A 247 -5.08 19.61 12.67
C GLY A 247 -5.96 19.93 13.87
N GLU A 248 -6.72 21.01 13.74
CA GLU A 248 -7.59 21.50 14.81
C GLU A 248 -8.58 20.43 15.27
N ASN A 249 -9.00 19.56 14.34
CA ASN A 249 -10.00 18.57 14.66
C ASN A 249 -9.39 17.38 15.39
N ASP A 250 -8.09 17.43 15.62
CA ASP A 250 -7.42 16.46 16.48
C ASP A 250 -7.14 16.93 17.92
N ILE A 251 -7.40 18.19 18.21
CA ILE A 251 -6.99 18.74 19.50
C ILE A 251 -7.61 18.02 20.69
N GLU A 252 -8.90 17.70 20.60
CA GLU A 252 -9.55 17.04 21.73
C GLU A 252 -8.96 15.66 21.97
N MET A 253 -8.61 14.92 20.93
CA MET A 253 -8.08 13.58 21.16
C MET A 253 -6.62 13.63 21.60
N LEU A 254 -5.88 14.64 21.16
CA LEU A 254 -4.51 14.79 21.64
C LEU A 254 -4.46 15.22 23.12
N SER A 255 -5.33 16.12 23.52
CA SER A 255 -5.32 16.59 24.89
C SER A 255 -6.09 15.64 25.82
N GLY A 256 -6.92 14.77 25.25
CA GLY A 256 -7.71 13.86 26.07
C GLY A 256 -6.97 12.60 26.49
N LEU A 257 -5.95 12.22 25.73
CA LEU A 257 -5.14 11.04 26.03
C LEU A 257 -3.81 11.46 26.64
N THR A 258 -3.35 10.71 27.64
CA THR A 258 -2.04 10.94 28.25
C THR A 258 -0.93 10.82 27.21
N HIS A 259 -1.08 9.85 26.31
CA HIS A 259 -0.10 9.63 25.25
C HIS A 259 -0.65 10.13 23.95
N SER A 260 -0.05 11.19 23.44
CA SER A 260 -0.47 11.74 22.18
C SER A 260 0.68 12.42 21.48
N VAL A 261 0.65 12.38 20.16
CA VAL A 261 1.79 12.85 19.36
C VAL A 261 1.29 13.83 18.30
N GLY A 262 1.72 15.08 18.39
CA GLY A 262 1.53 15.96 17.25
C GLY A 262 2.65 15.79 16.28
N VAL A 263 2.34 15.76 14.99
CA VAL A 263 3.36 15.62 13.98
C VAL A 263 4.03 16.99 13.78
N HIS A 264 5.27 16.96 13.31
CA HIS A 264 6.09 18.17 13.29
C HIS A 264 5.44 19.29 12.50
N ASN A 265 4.66 18.93 11.47
CA ASN A 265 4.00 19.88 10.57
C ASN A 265 2.75 20.53 11.16
N ALA A 266 2.32 20.07 12.33
CA ALA A 266 1.16 20.66 12.99
C ALA A 266 1.45 22.09 13.45
N SER A 267 0.40 22.87 13.58
CA SER A 267 0.48 24.23 14.12
C SER A 267 0.94 24.15 15.57
N GLU A 268 1.48 25.26 16.07
CA GLU A 268 1.88 25.32 17.46
C GLU A 268 0.70 25.01 18.38
N LYS A 269 -0.48 25.47 18.01
CA LYS A 269 -1.70 25.24 18.79
C LYS A 269 -1.99 23.74 18.95
N VAL A 270 -1.87 23.02 17.85
CA VAL A 270 -2.06 21.58 17.89
C VAL A 270 -0.92 20.88 18.64
N LYS A 271 0.32 21.30 18.40
CA LYS A 271 1.42 20.71 19.13
C LYS A 271 1.27 20.91 20.63
N ASN A 272 0.80 22.09 21.03
CA ASN A 272 0.58 22.40 22.45
C ASN A 272 -0.38 21.43 23.10
N SER A 273 -1.36 20.96 22.33
CA SER A 273 -2.39 20.08 22.88
C SER A 273 -1.92 18.64 23.04
N ALA A 274 -0.78 18.31 22.44
CA ALA A 274 -0.26 16.96 22.43
C ALA A 274 0.83 16.77 23.48
N ALA A 275 0.93 15.56 24.01
CA ALA A 275 1.97 15.25 24.98
C ALA A 275 3.38 15.31 24.39
N TYR A 276 3.51 14.86 23.15
CA TYR A 276 4.82 14.71 22.49
C TYR A 276 4.77 15.29 21.10
N VAL A 277 5.91 15.70 20.58
CA VAL A 277 6.00 16.10 19.19
C VAL A 277 6.84 15.09 18.41
N GLY A 278 6.31 14.60 17.30
CA GLY A 278 6.99 13.63 16.46
C GLY A 278 7.45 14.14 15.11
N PRO A 279 7.91 13.21 14.26
CA PRO A 279 8.28 13.49 12.87
C PRO A 279 7.11 14.04 12.08
N SER A 280 7.40 14.72 11.00
CA SER A 280 6.36 15.20 10.10
C SER A 280 5.68 14.03 9.42
N ASN A 281 4.50 14.32 8.84
CA ASN A 281 3.81 13.31 8.06
C ASN A 281 4.62 12.82 6.85
N ASN A 282 5.65 13.56 6.43
CA ASN A 282 6.46 13.13 5.30
C ASN A 282 7.64 12.25 5.72
N GLU A 283 7.84 12.21 7.04
CA GLU A 283 8.87 11.46 7.73
C GLU A 283 8.44 10.15 8.41
N HIS A 284 7.30 9.58 8.01
CA HIS A 284 6.98 8.25 8.51
C HIS A 284 6.67 8.27 10.00
N ALA A 285 5.84 9.24 10.37
CA ALA A 285 5.51 9.43 11.77
C ALA A 285 4.95 8.17 12.46
N ILE A 286 4.02 7.43 11.87
CA ILE A 286 3.49 6.30 12.65
C ILE A 286 4.57 5.22 12.81
N SER A 287 5.47 5.07 11.86
CA SER A 287 6.54 4.09 11.99
CA SER A 287 6.53 4.06 12.00
C SER A 287 7.37 4.36 13.23
N HIS A 288 7.69 5.63 13.46
CA HIS A 288 8.52 5.99 14.59
C HIS A 288 7.74 5.95 15.90
N VAL A 289 6.47 6.30 15.84
CA VAL A 289 5.59 6.13 17.00
C VAL A 289 5.56 4.68 17.41
N LEU A 290 5.41 3.79 16.43
CA LEU A 290 5.31 2.37 16.76
C LEU A 290 6.62 1.88 17.37
N LYS A 291 7.74 2.35 16.83
CA LYS A 291 9.06 1.96 17.35
C LYS A 291 9.24 2.42 18.79
N THR A 292 8.88 3.68 19.06
CA THR A 292 9.08 4.26 20.38
C THR A 292 8.14 3.69 21.43
N PHE A 293 6.85 3.66 21.13
CA PHE A 293 5.87 3.23 22.12
C PHE A 293 5.66 1.73 22.21
N CYS A 294 5.64 1.07 21.07
CA CYS A 294 5.41 -0.37 21.00
C CYS A 294 6.66 -1.23 20.80
N ASP A 295 7.83 -0.61 20.72
CA ASP A 295 9.07 -1.33 20.43
C ASP A 295 8.91 -2.12 19.13
N ILE A 296 8.26 -1.47 18.17
CA ILE A 296 8.05 -1.97 16.81
C ILE A 296 6.94 -3.00 16.77
N ASN B 26 -12.70 -19.45 -31.18
CA ASN B 26 -11.69 -18.40 -31.09
C ASN B 26 -12.13 -17.25 -30.19
N ASP B 27 -11.15 -16.65 -29.53
CA ASP B 27 -11.34 -15.46 -28.71
C ASP B 27 -10.36 -14.41 -29.20
N GLU B 28 -10.67 -13.13 -29.04
CA GLU B 28 -9.69 -12.11 -29.39
C GLU B 28 -8.70 -11.98 -28.24
N ILE B 29 -7.43 -11.74 -28.57
CA ILE B 29 -6.41 -11.61 -27.55
C ILE B 29 -6.21 -10.14 -27.26
N LYS B 30 -6.62 -9.74 -26.06
CA LYS B 30 -6.49 -8.35 -25.65
C LYS B 30 -5.19 -8.03 -24.90
N ILE B 31 -4.50 -9.06 -24.44
CA ILE B 31 -3.29 -8.85 -23.62
C ILE B 31 -2.33 -10.04 -23.72
N ILE B 32 -1.04 -9.75 -23.66
CA ILE B 32 0.01 -10.78 -23.68
C ILE B 32 0.88 -10.72 -22.43
N PHE B 33 1.11 -11.89 -21.83
CA PHE B 33 2.03 -12.03 -20.71
C PHE B 33 3.23 -12.84 -21.19
N THR B 34 4.43 -12.36 -20.92
CA THR B 34 5.61 -13.02 -21.42
C THR B 34 6.72 -13.07 -20.42
N ALA B 35 7.36 -14.24 -20.33
CA ALA B 35 8.59 -14.37 -19.58
C ALA B 35 9.66 -13.55 -20.28
N LEU B 36 10.72 -13.23 -19.54
CA LEU B 36 11.76 -12.37 -20.06
C LEU B 36 12.92 -13.21 -20.58
N ASP B 37 13.70 -13.78 -19.67
CA ASP B 37 14.81 -14.62 -20.04
C ASP B 37 14.25 -15.86 -20.75
N GLY B 38 14.82 -16.21 -21.89
CA GLY B 38 14.45 -17.44 -22.56
C GLY B 38 13.23 -17.34 -23.45
N THR B 39 12.57 -16.18 -23.42
CA THR B 39 11.35 -15.98 -24.20
C THR B 39 11.42 -14.68 -25.00
N LEU B 40 11.36 -13.55 -24.31
CA LEU B 40 11.47 -12.25 -24.95
C LEU B 40 12.93 -11.93 -25.26
N LEU B 41 13.80 -12.23 -24.31
CA LEU B 41 15.23 -12.09 -24.53
C LEU B 41 15.75 -13.26 -25.36
N ASN B 42 16.65 -12.98 -26.30
CA ASN B 42 17.25 -14.04 -27.08
C ASN B 42 18.40 -14.65 -26.29
N SER B 43 19.10 -15.63 -26.88
CA SER B 43 20.15 -16.35 -26.16
C SER B 43 21.30 -15.42 -25.80
N GLU B 44 21.34 -14.26 -26.45
CA GLU B 44 22.32 -13.23 -26.14
C GLU B 44 21.80 -12.25 -25.08
N ASN B 45 20.61 -12.54 -24.54
CA ASN B 45 19.96 -11.73 -23.51
C ASN B 45 19.67 -10.32 -23.99
N LYS B 46 19.19 -10.24 -25.22
CA LYS B 46 18.85 -8.98 -25.86
C LYS B 46 17.47 -9.13 -26.46
N VAL B 47 16.82 -8.00 -26.74
CA VAL B 47 15.54 -8.01 -27.42
C VAL B 47 15.77 -7.64 -28.86
N SER B 48 15.43 -8.54 -29.76
CA SER B 48 15.71 -8.35 -31.17
C SER B 48 14.96 -7.14 -31.71
N GLU B 49 15.53 -6.52 -32.73
CA GLU B 49 14.89 -5.40 -33.38
C GLU B 49 13.52 -5.82 -33.91
N GLN B 50 13.44 -7.01 -34.49
CA GLN B 50 12.15 -7.48 -35.00
C GLN B 50 11.14 -7.52 -33.85
N ASN B 51 11.54 -8.03 -32.68
CA ASN B 51 10.64 -8.04 -31.53
C ASN B 51 10.27 -6.63 -31.08
N LEU B 52 11.24 -5.73 -31.08
CA LEU B 52 11.00 -4.37 -30.64
C LEU B 52 10.01 -3.66 -31.55
N GLU B 53 10.07 -3.95 -32.85
CA GLU B 53 9.13 -3.36 -33.80
C GLU B 53 7.72 -3.82 -33.48
N SER B 54 7.56 -5.10 -33.20
CA SER B 54 6.23 -5.64 -32.96
C SER B 54 5.66 -5.08 -31.66
N LEU B 55 6.51 -4.84 -30.67
CA LEU B 55 6.05 -4.30 -29.39
C LEU B 55 5.50 -2.89 -29.61
N ILE B 56 6.15 -2.13 -30.47
CA ILE B 56 5.69 -0.80 -30.83
C ILE B 56 4.30 -0.87 -31.48
N ARG B 57 4.13 -1.78 -32.44
CA ARG B 57 2.85 -1.92 -33.12
C ARG B 57 1.77 -2.37 -32.14
N ALA B 58 2.16 -3.20 -31.19
CA ALA B 58 1.23 -3.71 -30.19
C ALA B 58 0.68 -2.56 -29.35
N GLN B 59 1.55 -1.72 -28.81
CA GLN B 59 1.09 -0.63 -27.95
C GLN B 59 0.27 0.38 -28.75
N GLU B 60 0.51 0.43 -30.07
CA GLU B 60 -0.27 1.29 -30.94
C GLU B 60 -1.70 0.76 -31.11
N LYS B 61 -1.84 -0.56 -31.17
CA LYS B 61 -3.16 -1.20 -31.27
C LYS B 61 -3.81 -1.39 -29.90
N GLY B 62 -3.13 -0.96 -28.85
CA GLY B 62 -3.68 -1.03 -27.51
C GLY B 62 -3.61 -2.42 -26.90
N ILE B 63 -2.67 -3.23 -27.37
CA ILE B 63 -2.46 -4.55 -26.80
C ILE B 63 -1.27 -4.49 -25.88
N LYS B 64 -1.53 -4.64 -24.58
CA LYS B 64 -0.46 -4.59 -23.60
C LYS B 64 0.36 -5.86 -23.63
N VAL B 65 1.67 -5.69 -23.51
CA VAL B 65 2.60 -6.78 -23.33
C VAL B 65 3.15 -6.64 -21.92
N VAL B 66 2.95 -7.68 -21.14
CA VAL B 66 3.25 -7.65 -19.72
C VAL B 66 4.34 -8.64 -19.41
N ILE B 67 5.46 -8.14 -18.90
CA ILE B 67 6.57 -8.97 -18.48
C ILE B 67 6.15 -9.78 -17.25
N ALA B 68 6.40 -11.08 -17.28
CA ALA B 68 6.16 -11.92 -16.11
C ALA B 68 7.45 -12.69 -15.86
N THR B 69 8.13 -12.35 -14.77
CA THR B 69 9.50 -12.77 -14.55
C THR B 69 9.79 -13.15 -13.09
N GLY B 70 10.85 -13.94 -12.91
CA GLY B 70 11.33 -14.29 -11.59
C GLY B 70 12.25 -13.22 -11.05
N ARG B 71 12.69 -12.36 -11.96
CA ARG B 71 13.48 -11.20 -11.59
C ARG B 71 12.66 -10.17 -10.81
N SER B 72 13.34 -9.39 -10.00
CA SER B 72 12.78 -8.15 -9.47
C SER B 72 12.67 -7.09 -10.57
N ILE B 73 11.85 -6.08 -10.35
CA ILE B 73 11.70 -5.02 -11.33
C ILE B 73 13.04 -4.30 -11.54
N PHE B 74 13.82 -4.20 -10.46
CA PHE B 74 15.14 -3.61 -10.53
C PHE B 74 16.11 -4.46 -11.39
N SER B 75 15.99 -5.78 -11.30
CA SER B 75 16.84 -6.66 -12.10
C SER B 75 16.48 -6.55 -13.59
N VAL B 76 15.21 -6.41 -13.89
CA VAL B 76 14.76 -6.26 -15.26
C VAL B 76 15.29 -4.93 -15.83
N GLU B 77 15.14 -3.86 -15.06
CA GLU B 77 15.68 -2.57 -15.50
C GLU B 77 17.18 -2.69 -15.78
N ASN B 78 17.83 -3.64 -15.13
CA ASN B 78 19.27 -3.81 -15.31
C ASN B 78 19.62 -4.45 -16.65
N VAL B 79 18.84 -5.44 -17.09
CA VAL B 79 19.06 -6.05 -18.39
C VAL B 79 18.40 -5.35 -19.61
N ILE B 80 17.15 -4.91 -19.49
CA ILE B 80 16.45 -4.18 -20.57
C ILE B 80 16.35 -2.65 -20.40
N GLY B 81 17.10 -2.07 -19.46
CA GLY B 81 16.95 -0.67 -19.11
C GLY B 81 16.88 0.31 -20.28
N GLU B 82 17.67 0.06 -21.33
CA GLU B 82 17.66 0.92 -22.51
C GLU B 82 16.27 0.98 -23.12
N HIS B 83 15.60 -0.17 -23.17
CA HIS B 83 14.30 -0.24 -23.78
C HIS B 83 13.25 0.40 -22.87
N VAL B 84 13.49 0.35 -21.57
CA VAL B 84 12.56 0.97 -20.63
C VAL B 84 12.67 2.50 -20.72
N LYS B 85 13.90 3.00 -20.64
CA LYS B 85 14.19 4.44 -20.74
C LYS B 85 13.62 5.07 -22.01
N LYS B 86 13.68 4.31 -23.10
CA LYS B 86 13.21 4.76 -24.40
C LYS B 86 11.75 4.43 -24.61
N ASN B 87 11.09 3.93 -23.55
CA ASN B 87 9.65 3.72 -23.55
C ASN B 87 9.20 2.76 -24.64
N ARG B 88 10.05 1.81 -25.00
CA ARG B 88 9.65 0.73 -25.89
C ARG B 88 9.11 -0.52 -25.19
N ILE B 89 9.41 -0.65 -23.90
CA ILE B 89 8.96 -1.79 -23.10
C ILE B 89 8.53 -1.27 -21.75
N SER B 90 7.28 -1.56 -21.40
CA SER B 90 6.65 -1.07 -20.17
C SER B 90 6.83 -2.07 -19.04
N LEU B 91 7.37 -1.62 -17.91
CA LEU B 91 7.49 -2.48 -16.73
C LEU B 91 6.23 -2.45 -15.85
N LEU B 92 5.41 -1.43 -16.07
CA LEU B 92 4.18 -1.24 -15.31
C LEU B 92 2.98 -1.26 -16.26
N PRO B 93 2.07 -2.22 -16.11
CA PRO B 93 1.98 -3.30 -15.12
C PRO B 93 3.01 -4.36 -15.44
N GLY B 94 3.32 -5.21 -14.46
CA GLY B 94 4.26 -6.27 -14.67
C GLY B 94 4.27 -7.18 -13.47
N ILE B 95 4.77 -8.40 -13.68
CA ILE B 95 4.73 -9.45 -12.67
C ILE B 95 6.18 -9.81 -12.38
N TYR B 96 6.60 -9.63 -11.13
CA TYR B 96 8.00 -9.77 -10.76
C TYR B 96 8.17 -10.75 -9.60
N MET B 97 9.39 -11.27 -9.45
CA MET B 97 9.68 -12.28 -8.43
C MET B 97 8.62 -13.37 -8.43
N ASN B 98 8.33 -13.87 -9.63
CA ASN B 98 7.37 -14.93 -9.87
C ASN B 98 5.99 -14.68 -9.23
N GLY B 99 5.53 -13.43 -9.29
CA GLY B 99 4.18 -13.10 -8.83
C GLY B 99 4.13 -12.44 -7.46
N CYS B 100 5.19 -12.63 -6.68
CA CYS B 100 5.27 -12.09 -5.33
C CYS B 100 5.10 -10.58 -5.28
N VAL B 101 5.56 -9.89 -6.31
CA VAL B 101 5.35 -8.46 -6.45
C VAL B 101 4.78 -8.23 -7.83
N THR B 102 3.50 -7.82 -7.86
CA THR B 102 2.83 -7.56 -9.13
C THR B 102 2.33 -6.13 -9.09
N PHE B 103 2.73 -5.36 -10.09
CA PHE B 103 2.34 -3.95 -10.20
C PHE B 103 1.21 -3.74 -11.18
N ASP B 104 0.28 -2.87 -10.84
CA ASP B 104 -0.63 -2.38 -11.88
C ASP B 104 0.05 -1.26 -12.67
N GLU B 105 -0.71 -0.67 -13.60
CA GLU B 105 -0.15 0.32 -14.52
C GLU B 105 0.34 1.54 -13.78
N LYS B 106 -0.27 1.80 -12.62
CA LYS B 106 0.04 2.99 -11.81
C LYS B 106 1.15 2.78 -10.79
N GLY B 107 1.70 1.58 -10.75
CA GLY B 107 2.74 1.27 -9.79
C GLY B 107 2.23 0.77 -8.44
N SER B 108 0.94 0.51 -8.33
CA SER B 108 0.38 -0.05 -7.10
C SER B 108 0.74 -1.53 -7.05
N ARG B 109 1.16 -2.05 -5.90
CA ARG B 109 1.49 -3.48 -5.89
C ARG B 109 0.27 -4.24 -5.47
N VAL B 110 -0.38 -4.80 -6.49
CA VAL B 110 -1.67 -5.45 -6.33
C VAL B 110 -1.47 -6.82 -5.79
N ILE B 111 -0.29 -7.38 -6.06
CA ILE B 111 0.22 -8.49 -5.23
C ILE B 111 1.49 -8.00 -4.57
N ASP B 112 1.50 -8.02 -3.25
CA ASP B 112 2.68 -7.68 -2.53
C ASP B 112 2.87 -8.72 -1.43
N ARG B 113 3.66 -9.75 -1.66
CA ARG B 113 3.63 -10.80 -0.66
C ARG B 113 4.85 -10.69 0.17
N ILE B 114 4.68 -9.93 1.22
CA ILE B 114 5.75 -9.61 2.11
C ILE B 114 5.78 -10.79 3.04
N MET B 115 6.98 -11.21 3.43
CA MET B 115 7.10 -12.33 4.34
C MET B 115 6.79 -11.89 5.76
N ASN B 116 5.99 -12.69 6.47
CA ASN B 116 5.73 -12.44 7.89
C ASN B 116 7.07 -12.33 8.62
N ASN B 117 7.26 -11.29 9.43
CA ASN B 117 8.57 -11.00 9.97
C ASN B 117 9.05 -12.02 11.00
N ASP B 118 8.11 -12.61 11.73
CA ASP B 118 8.41 -13.71 12.65
C ASP B 118 8.89 -14.94 11.89
N LEU B 119 8.21 -15.26 10.78
CA LEU B 119 8.64 -16.34 9.90
C LEU B 119 10.03 -16.05 9.32
N LYS B 120 10.25 -14.82 8.89
CA LYS B 120 11.55 -14.42 8.40
C LYS B 120 12.64 -14.70 9.45
N MET B 121 12.40 -14.30 10.68
CA MET B 121 13.40 -14.53 11.72
C MET B 121 13.55 -16.00 12.07
N GLU B 122 12.46 -16.76 12.02
CA GLU B 122 12.58 -18.20 12.24
C GLU B 122 13.47 -18.86 11.19
N ILE B 123 13.30 -18.42 9.94
CA ILE B 123 14.05 -18.99 8.82
C ILE B 123 15.51 -18.64 9.01
N HIS B 124 15.76 -17.39 9.37
CA HIS B 124 17.10 -16.91 9.59
C HIS B 124 17.77 -17.70 10.70
N GLU B 125 17.12 -17.86 11.84
CA GLU B 125 17.73 -18.60 12.94
C GLU B 125 18.04 -20.06 12.57
N PHE B 126 17.08 -20.70 11.91
CA PHE B 126 17.28 -22.02 11.39
C PHE B 126 18.50 -22.07 10.45
N SER B 127 18.65 -21.07 9.59
CA SER B 127 19.71 -21.12 8.58
C SER B 127 21.08 -21.05 9.26
N LYS B 128 21.14 -20.36 10.40
CA LYS B 128 22.38 -20.27 11.17
C LYS B 128 22.67 -21.59 11.89
N GLN B 129 21.62 -22.20 12.44
CA GLN B 129 21.74 -23.51 13.11
C GLN B 129 22.26 -24.60 12.19
N ILE B 130 21.78 -24.64 10.94
CA ILE B 130 22.27 -25.60 9.96
C ILE B 130 23.33 -25.04 9.01
N ASN B 131 23.86 -23.86 9.33
CA ASN B 131 25.07 -23.32 8.72
C ASN B 131 24.89 -23.05 7.23
N ILE B 132 23.70 -22.66 6.80
CA ILE B 132 23.50 -22.18 5.44
C ILE B 132 23.32 -20.66 5.35
N SER B 133 23.38 -19.94 6.47
CA SER B 133 23.18 -18.49 6.46
CA SER B 133 23.14 -18.50 6.42
C SER B 133 24.22 -17.80 5.59
N LYS B 134 25.38 -18.42 5.48
CA LYS B 134 26.46 -17.85 4.67
C LYS B 134 26.15 -17.90 3.19
N TYR B 135 25.17 -18.74 2.83
CA TYR B 135 24.71 -18.90 1.45
C TYR B 135 23.43 -18.14 1.14
N ALA B 136 22.92 -17.39 2.11
CA ALA B 136 21.60 -16.75 2.00
C ALA B 136 21.64 -15.42 1.24
N ILE B 137 20.72 -15.28 0.30
CA ILE B 137 20.45 -13.99 -0.33
C ILE B 137 19.02 -13.59 0.01
N TRP B 138 18.84 -12.53 0.77
CA TRP B 138 17.51 -12.04 1.15
C TRP B 138 17.07 -10.95 0.17
N PHE B 139 15.84 -11.10 -0.33
CA PHE B 139 15.26 -10.23 -1.35
C PHE B 139 14.26 -9.27 -0.74
N CYS B 140 14.59 -7.97 -0.81
CA CYS B 140 13.66 -6.93 -0.41
C CYS B 140 12.96 -6.38 -1.66
N LEU B 141 12.17 -5.32 -1.49
CA LEU B 141 11.46 -4.73 -2.63
C LEU B 141 12.42 -4.29 -3.71
N GLU B 142 13.51 -3.65 -3.27
CA GLU B 142 14.45 -3.06 -4.20
C GLU B 142 15.78 -3.82 -4.13
N LYS B 143 16.43 -3.79 -2.98
CA LYS B 143 17.76 -4.40 -2.88
C LYS B 143 17.73 -5.87 -2.52
N THR B 144 18.91 -6.47 -2.55
CA THR B 144 19.10 -7.81 -2.03
C THR B 144 20.26 -7.73 -1.06
N TYR B 145 20.36 -8.75 -0.21
CA TYR B 145 21.30 -8.72 0.90
C TYR B 145 21.88 -10.10 1.17
N CYS B 146 23.16 -10.13 1.55
CA CYS B 146 23.79 -11.35 2.02
C CYS B 146 24.66 -11.00 3.22
N PHE B 147 25.08 -12.02 3.95
CA PHE B 147 25.93 -11.81 5.10
C PHE B 147 27.41 -12.01 4.77
N GLU B 148 27.67 -12.52 3.58
CA GLU B 148 29.01 -12.94 3.21
C GLU B 148 29.15 -13.00 1.71
N ILE B 149 30.39 -12.93 1.23
CA ILE B 149 30.70 -13.27 -0.15
C ILE B 149 31.52 -14.55 -0.15
N ASN B 150 31.09 -15.52 -0.95
CA ASN B 150 31.82 -16.77 -1.14
C ASN B 150 31.60 -17.29 -2.54
N ASP B 151 32.22 -18.42 -2.87
CA ASP B 151 32.18 -18.92 -4.23
C ASP B 151 30.75 -19.26 -4.65
N CYS B 152 29.95 -19.79 -3.74
CA CYS B 152 28.58 -20.18 -4.06
C CYS B 152 27.69 -18.99 -4.39
N ILE B 153 27.81 -17.92 -3.60
CA ILE B 153 27.01 -16.74 -3.83
C ILE B 153 27.40 -16.10 -5.17
N ARG B 154 28.70 -16.02 -5.43
CA ARG B 154 29.21 -15.50 -6.70
C ARG B 154 28.61 -16.25 -7.87
N GLU B 155 28.55 -17.57 -7.76
CA GLU B 155 28.03 -18.41 -8.82
C GLU B 155 26.58 -18.04 -9.16
N TYR B 156 25.79 -17.72 -8.14
CA TYR B 156 24.39 -17.35 -8.36
C TYR B 156 24.25 -15.93 -8.89
N MET B 157 24.98 -15.00 -8.27
CA MET B 157 24.83 -13.58 -8.57
C MET B 157 25.42 -13.23 -9.94
N GLU B 158 26.06 -14.20 -10.58
CA GLU B 158 26.58 -14.00 -11.92
C GLU B 158 25.48 -14.14 -12.97
N VAL B 159 24.58 -15.10 -12.77
CA VAL B 159 23.58 -15.47 -13.78
C VAL B 159 22.78 -14.23 -14.22
N GLU B 160 22.13 -13.58 -13.25
CA GLU B 160 21.59 -12.24 -13.45
C GLU B 160 22.52 -11.32 -12.68
N ALA B 161 22.75 -10.11 -13.17
CA ALA B 161 23.67 -9.23 -12.46
C ALA B 161 22.96 -8.78 -11.20
N LEU B 162 23.56 -9.10 -10.06
CA LEU B 162 22.95 -8.85 -8.77
C LEU B 162 24.02 -8.27 -7.85
N ASN B 163 23.62 -7.28 -7.07
CA ASN B 163 24.56 -6.53 -6.26
C ASN B 163 24.12 -6.58 -4.82
N PRO B 164 24.09 -7.79 -4.24
CA PRO B 164 23.61 -7.87 -2.86
C PRO B 164 24.55 -7.14 -1.93
N ASP B 165 23.98 -6.29 -1.09
CA ASP B 165 24.73 -5.60 -0.08
C ASP B 165 25.11 -6.62 0.99
N VAL B 166 26.37 -6.62 1.38
CA VAL B 166 26.80 -7.46 2.48
C VAL B 166 26.47 -6.74 3.78
N ILE B 167 25.67 -7.38 4.62
CA ILE B 167 25.20 -6.77 5.86
C ILE B 167 25.51 -7.63 7.08
N GLU B 168 25.45 -7.02 8.26
CA GLU B 168 25.61 -7.73 9.51
C GLU B 168 24.36 -8.56 9.83
N ASP B 169 24.54 -9.63 10.59
CA ASP B 169 23.46 -10.53 10.98
C ASP B 169 22.25 -9.80 11.55
N ASN B 170 22.51 -8.78 12.38
CA ASN B 170 21.46 -8.18 13.18
C ASN B 170 20.63 -7.18 12.39
N MET B 171 20.98 -6.98 11.12
CA MET B 171 20.26 -6.07 10.25
C MET B 171 18.97 -6.66 9.65
N LEU B 172 18.90 -7.98 9.53
CA LEU B 172 17.75 -8.64 8.92
C LEU B 172 16.43 -8.31 9.59
N GLU B 173 16.46 -8.26 10.92
CA GLU B 173 15.25 -8.01 11.71
C GLU B 173 14.53 -6.77 11.23
N GLY B 174 15.29 -5.76 10.80
CA GLY B 174 14.72 -4.49 10.36
C GLY B 174 14.34 -4.46 8.89
N LEU B 175 14.66 -5.51 8.14
CA LEU B 175 14.32 -5.61 6.73
C LEU B 175 12.94 -6.21 6.54
N THR B 176 12.26 -5.69 5.53
CA THR B 176 11.01 -6.24 5.07
C THR B 176 11.33 -7.03 3.82
N VAL B 177 11.12 -8.35 3.86
CA VAL B 177 11.60 -9.24 2.80
C VAL B 177 10.49 -10.01 2.13
N TYR B 178 10.68 -10.33 0.84
CA TYR B 178 9.82 -11.25 0.08
C TYR B 178 10.20 -12.73 0.07
N LYS B 179 11.49 -13.00 -0.02
CA LYS B 179 11.99 -14.36 -0.18
C LYS B 179 13.46 -14.42 0.21
N VAL B 180 13.94 -15.64 0.44
CA VAL B 180 15.35 -15.90 0.61
C VAL B 180 15.73 -17.02 -0.35
N LEU B 181 16.91 -16.90 -0.94
CA LEU B 181 17.47 -17.94 -1.79
C LEU B 181 18.80 -18.34 -1.17
N PHE B 182 19.00 -19.64 -1.00
CA PHE B 182 20.26 -20.16 -0.51
C PHE B 182 20.98 -20.75 -1.70
N SER B 183 22.14 -20.21 -2.07
CA SER B 183 22.90 -20.84 -3.14
CA SER B 183 22.90 -20.84 -3.14
C SER B 183 23.87 -21.79 -2.47
N LEU B 184 23.50 -23.05 -2.51
CA LEU B 184 24.15 -24.07 -1.71
C LEU B 184 25.25 -24.76 -2.47
N PRO B 185 26.28 -25.20 -1.75
CA PRO B 185 27.15 -26.25 -2.28
C PRO B 185 26.35 -27.49 -2.60
N GLU B 186 26.68 -28.18 -3.68
CA GLU B 186 25.94 -29.37 -4.08
C GLU B 186 25.88 -30.39 -2.96
N ASN B 187 26.96 -30.50 -2.19
CA ASN B 187 27.10 -31.60 -1.24
C ASN B 187 26.25 -31.45 0.02
N ILE B 188 25.73 -30.25 0.28
CA ILE B 188 24.70 -30.10 1.33
C ILE B 188 23.24 -29.92 0.84
N LEU B 189 23.02 -29.97 -0.47
CA LEU B 189 21.70 -29.70 -1.01
C LEU B 189 20.61 -30.61 -0.50
N GLU B 190 20.84 -31.92 -0.54
CA GLU B 190 19.82 -32.89 -0.20
C GLU B 190 19.44 -32.77 1.27
N ASN B 191 20.42 -32.64 2.15
CA ASN B 191 20.12 -32.50 3.58
C ASN B 191 19.38 -31.21 3.90
N THR B 192 19.85 -30.12 3.33
CA THR B 192 19.27 -28.81 3.59
C THR B 192 17.82 -28.77 3.12
N LEU B 193 17.56 -29.28 1.92
CA LEU B 193 16.22 -29.27 1.37
C LEU B 193 15.30 -30.11 2.24
N LYS B 194 15.78 -31.28 2.63
CA LYS B 194 15.03 -32.15 3.51
C LYS B 194 14.64 -31.38 4.79
N LEU B 195 15.61 -30.74 5.41
CA LEU B 195 15.31 -30.10 6.70
C LEU B 195 14.41 -28.89 6.55
N CYS B 196 14.64 -28.09 5.53
CA CYS B 196 13.83 -26.89 5.28
CA CYS B 196 13.82 -26.92 5.31
C CYS B 196 12.38 -27.30 5.01
N ARG B 197 12.19 -28.30 4.15
CA ARG B 197 10.83 -28.75 3.87
C ARG B 197 10.15 -29.33 5.11
N GLU B 198 10.88 -30.12 5.90
CA GLU B 198 10.30 -30.70 7.08
C GLU B 198 9.86 -29.61 8.06
N LYS B 199 10.69 -28.59 8.20
CA LYS B 199 10.39 -27.52 9.14
C LYS B 199 9.35 -26.54 8.60
N PHE B 200 9.54 -26.08 7.37
CA PHE B 200 8.74 -24.98 6.81
C PHE B 200 7.69 -25.21 5.70
N SER B 201 7.58 -26.41 5.12
CA SER B 201 6.87 -26.51 3.85
C SER B 201 5.37 -26.32 4.02
N HIS B 202 4.88 -26.41 5.25
CA HIS B 202 3.47 -26.14 5.50
C HIS B 202 3.22 -24.63 5.58
N ARG B 203 4.25 -23.85 5.91
CA ARG B 203 4.11 -22.39 5.98
C ARG B 203 4.61 -21.54 4.80
N ILE B 204 5.38 -22.15 3.91
CA ILE B 204 5.97 -21.43 2.78
CA ILE B 204 6.03 -21.42 2.81
C ILE B 204 6.37 -22.44 1.73
N ASN B 205 6.60 -21.97 0.51
CA ASN B 205 7.09 -22.84 -0.54
C ASN B 205 8.59 -23.00 -0.37
N VAL B 206 9.05 -24.24 -0.36
CA VAL B 206 10.48 -24.51 -0.35
C VAL B 206 10.81 -25.17 -1.67
N ALA B 207 11.48 -24.44 -2.56
CA ALA B 207 11.65 -24.91 -3.92
C ALA B 207 13.12 -25.06 -4.25
N ASN B 208 13.47 -26.12 -4.96
CA ASN B 208 14.73 -26.08 -5.66
C ASN B 208 14.44 -26.47 -7.10
N THR B 209 14.36 -25.44 -7.94
CA THR B 209 14.00 -25.62 -9.35
C THR B 209 15.21 -25.93 -10.18
N PHE B 210 16.29 -25.20 -9.86
CA PHE B 210 17.49 -25.18 -10.68
C PHE B 210 18.72 -25.40 -9.84
N GLN B 211 19.50 -26.41 -10.22
CA GLN B 211 20.76 -26.70 -9.56
C GLN B 211 20.56 -26.85 -8.05
N SER B 212 21.48 -26.26 -7.27
CA SER B 212 21.45 -26.30 -5.82
CA SER B 212 21.43 -26.32 -5.82
C SER B 212 20.81 -25.06 -5.18
N TYR B 213 20.21 -24.19 -5.97
CA TYR B 213 19.55 -23.02 -5.41
C TYR B 213 18.28 -23.42 -4.66
N VAL B 214 18.17 -23.03 -3.41
CA VAL B 214 16.98 -23.33 -2.61
C VAL B 214 16.27 -22.04 -2.26
N GLU B 215 15.02 -21.96 -2.67
CA GLU B 215 14.23 -20.74 -2.56
C GLU B 215 13.03 -20.93 -1.63
N LEU B 216 12.93 -20.06 -0.65
CA LEU B 216 11.77 -19.98 0.23
C LEU B 216 10.95 -18.73 -0.08
N PHE B 217 9.73 -18.93 -0.52
CA PHE B 217 8.89 -17.81 -0.92
C PHE B 217 7.44 -18.14 -0.67
N HIS B 218 6.62 -17.09 -0.67
CA HIS B 218 5.25 -17.19 -0.18
C HIS B 218 4.50 -18.34 -0.81
N GLN B 219 3.73 -19.06 0.00
CA GLN B 219 2.86 -20.09 -0.52
C GLN B 219 1.82 -19.52 -1.50
N HIS B 220 1.39 -20.33 -2.45
CA HIS B 220 0.33 -19.92 -3.39
C HIS B 220 0.66 -18.59 -4.11
N THR B 221 1.92 -18.44 -4.50
CA THR B 221 2.32 -17.35 -5.38
C THR B 221 3.03 -17.93 -6.58
N ASN B 222 2.67 -17.41 -7.75
CA ASN B 222 3.34 -17.76 -8.98
C ASN B 222 2.92 -16.72 -10.03
N LYS B 223 3.46 -16.82 -11.23
CA LYS B 223 3.17 -15.83 -12.25
C LYS B 223 1.71 -15.78 -12.62
N PHE B 224 1.03 -16.92 -12.59
CA PHE B 224 -0.37 -16.96 -12.98
C PHE B 224 -1.24 -16.16 -12.01
N GLU B 225 -0.83 -16.07 -10.75
CA GLU B 225 -1.53 -15.22 -9.81
C GLU B 225 -1.44 -13.76 -10.26
N GLY B 226 -0.27 -13.35 -10.72
CA GLY B 226 -0.12 -12.01 -11.27
C GLY B 226 -0.96 -11.82 -12.51
N VAL B 227 -1.01 -12.84 -13.36
CA VAL B 227 -1.81 -12.79 -14.58
C VAL B 227 -3.26 -12.52 -14.23
N LYS B 228 -3.77 -13.22 -13.23
CA LYS B 228 -5.17 -13.05 -12.86
C LYS B 228 -5.45 -11.63 -12.31
N GLU B 229 -4.54 -11.10 -11.49
CA GLU B 229 -4.72 -9.75 -10.95
C GLU B 229 -4.68 -8.68 -12.05
N ILE B 230 -3.75 -8.79 -13.00
CA ILE B 230 -3.64 -7.78 -14.02
CA ILE B 230 -3.62 -7.80 -14.05
C ILE B 230 -4.82 -7.88 -14.99
N CYS B 231 -5.26 -9.09 -15.29
CA CYS B 231 -6.45 -9.24 -16.11
C CYS B 231 -7.65 -8.62 -15.41
N LYS B 232 -7.83 -8.87 -14.12
CA LYS B 232 -8.92 -8.25 -13.36
C LYS B 232 -8.85 -6.72 -13.38
N TYR B 233 -7.64 -6.19 -13.28
CA TYR B 233 -7.43 -4.75 -13.31
C TYR B 233 -8.02 -4.14 -14.56
N TYR B 234 -7.85 -4.80 -15.70
CA TYR B 234 -8.35 -4.29 -16.98
C TYR B 234 -9.71 -4.83 -17.33
N ASN B 235 -10.29 -5.63 -16.43
CA ASN B 235 -11.54 -6.35 -16.71
C ASN B 235 -11.45 -7.14 -18.00
N ILE B 236 -10.36 -7.88 -18.13
CA ILE B 236 -10.15 -8.76 -19.26
C ILE B 236 -10.35 -10.20 -18.78
N SER B 237 -11.25 -10.91 -19.43
CA SER B 237 -11.45 -12.30 -19.09
CA SER B 237 -11.47 -12.32 -19.14
C SER B 237 -10.24 -13.11 -19.53
N LEU B 238 -9.95 -14.20 -18.82
CA LEU B 238 -8.74 -14.96 -19.07
C LEU B 238 -8.68 -15.57 -20.47
N ASN B 239 -9.84 -15.87 -21.07
CA ASN B 239 -9.85 -16.41 -22.43
C ASN B 239 -9.40 -15.37 -23.45
N ASN B 240 -9.37 -14.11 -23.02
CA ASN B 240 -8.87 -13.02 -23.85
C ASN B 240 -7.40 -12.69 -23.55
N ALA B 241 -6.77 -13.51 -22.73
CA ALA B 241 -5.37 -13.34 -22.37
C ALA B 241 -4.53 -14.45 -22.99
N LEU B 242 -3.26 -14.13 -23.27
CA LEU B 242 -2.27 -15.09 -23.72
C LEU B 242 -0.98 -14.98 -22.91
N ALA B 243 -0.42 -16.13 -22.53
CA ALA B 243 0.90 -16.19 -21.89
C ALA B 243 1.90 -16.94 -22.76
N MET B 244 3.17 -16.56 -22.67
CA MET B 244 4.22 -17.29 -23.36
C MET B 244 5.46 -17.34 -22.49
N GLY B 245 6.15 -18.47 -22.52
CA GLY B 245 7.28 -18.68 -21.63
C GLY B 245 8.08 -19.92 -21.97
N ASP B 246 9.34 -19.93 -21.53
CA ASP B 246 10.21 -21.10 -21.62
C ASP B 246 10.43 -21.94 -20.36
N GLY B 247 10.06 -21.40 -19.21
CA GLY B 247 10.60 -21.88 -17.96
C GLY B 247 9.67 -22.69 -17.08
N GLU B 248 10.27 -23.32 -16.07
CA GLU B 248 9.53 -24.06 -15.06
C GLU B 248 8.54 -23.12 -14.38
N ASN B 249 9.01 -21.91 -14.11
CA ASN B 249 8.23 -20.91 -13.40
C ASN B 249 7.07 -20.35 -14.25
N ASP B 250 6.99 -20.75 -15.52
CA ASP B 250 5.88 -20.36 -16.39
C ASP B 250 4.75 -21.39 -16.48
N ILE B 251 4.94 -22.54 -15.84
CA ILE B 251 4.03 -23.66 -16.04
C ILE B 251 2.59 -23.34 -15.64
N GLU B 252 2.43 -22.71 -14.49
CA GLU B 252 1.09 -22.37 -14.01
C GLU B 252 0.36 -21.42 -14.97
N MET B 253 1.05 -20.40 -15.48
CA MET B 253 0.37 -19.44 -16.33
C MET B 253 0.17 -20.01 -17.71
N LEU B 254 1.06 -20.91 -18.15
CA LEU B 254 0.84 -21.59 -19.42
C LEU B 254 -0.35 -22.57 -19.33
N SER B 255 -0.46 -23.29 -18.22
CA SER B 255 -1.57 -24.21 -17.99
C SER B 255 -2.89 -23.47 -17.77
N GLY B 256 -2.84 -22.47 -16.90
CA GLY B 256 -4.04 -21.79 -16.43
C GLY B 256 -4.77 -20.98 -17.47
N LEU B 257 -4.13 -20.72 -18.60
CA LEU B 257 -4.76 -19.99 -19.69
C LEU B 257 -5.12 -20.94 -20.81
N THR B 258 -6.26 -20.68 -21.44
CA THR B 258 -6.65 -21.39 -22.65
C THR B 258 -5.60 -21.18 -23.74
N HIS B 259 -5.26 -19.92 -23.98
CA HIS B 259 -4.27 -19.58 -25.00
C HIS B 259 -2.91 -19.31 -24.36
N SER B 260 -1.95 -20.18 -24.66
CA SER B 260 -0.60 -20.00 -24.18
C SER B 260 0.38 -20.65 -25.16
N VAL B 261 1.59 -20.12 -25.19
CA VAL B 261 2.61 -20.53 -26.16
C VAL B 261 3.91 -20.88 -25.45
N GLY B 262 4.34 -22.14 -25.54
CA GLY B 262 5.69 -22.47 -25.16
C GLY B 262 6.61 -22.17 -26.33
N VAL B 263 7.78 -21.62 -26.05
CA VAL B 263 8.75 -21.32 -27.11
C VAL B 263 9.59 -22.56 -27.39
N HIS B 264 10.01 -22.72 -28.64
CA HIS B 264 10.69 -23.95 -29.08
C HIS B 264 11.88 -24.35 -28.21
N ASN B 265 12.62 -23.36 -27.71
CA ASN B 265 13.79 -23.64 -26.88
C ASN B 265 13.45 -24.16 -25.48
N ALA B 266 12.16 -24.17 -25.15
CA ALA B 266 11.71 -24.57 -23.81
C ALA B 266 11.84 -26.08 -23.59
N SER B 267 12.03 -26.48 -22.34
CA SER B 267 12.16 -27.91 -22.01
C SER B 267 10.88 -28.61 -22.41
N GLU B 268 10.98 -29.90 -22.69
CA GLU B 268 9.83 -30.66 -23.12
C GLU B 268 8.74 -30.63 -22.06
N LYS B 269 9.15 -30.61 -20.79
CA LYS B 269 8.24 -30.52 -19.66
C LYS B 269 7.45 -29.21 -19.70
N VAL B 270 8.17 -28.10 -19.73
CA VAL B 270 7.52 -26.78 -19.82
C VAL B 270 6.65 -26.74 -21.05
N LYS B 271 7.21 -27.13 -22.19
CA LYS B 271 6.50 -27.00 -23.46
C LYS B 271 5.18 -27.75 -23.44
N ASN B 272 5.10 -28.73 -22.54
CA ASN B 272 3.92 -29.56 -22.39
C ASN B 272 2.71 -28.80 -21.87
N SER B 273 2.94 -27.98 -20.84
CA SER B 273 1.88 -27.24 -20.15
C SER B 273 1.21 -26.17 -21.00
N ALA B 274 1.76 -25.91 -22.18
CA ALA B 274 1.26 -24.85 -23.05
C ALA B 274 0.25 -25.41 -24.06
N ALA B 275 -0.75 -24.58 -24.39
CA ALA B 275 -1.72 -24.93 -25.42
C ALA B 275 -1.06 -25.01 -26.81
N TYR B 276 -0.11 -24.13 -27.06
CA TYR B 276 0.55 -24.08 -28.36
C TYR B 276 2.07 -24.08 -28.23
N VAL B 277 2.74 -24.43 -29.35
CA VAL B 277 4.18 -24.27 -29.46
C VAL B 277 4.45 -23.26 -30.55
N GLY B 278 5.60 -22.59 -30.46
CA GLY B 278 5.91 -21.52 -31.36
C GLY B 278 7.41 -21.35 -31.49
N PRO B 279 7.84 -20.30 -32.19
CA PRO B 279 9.27 -20.03 -32.45
C PRO B 279 10.08 -19.91 -31.17
N SER B 280 11.38 -20.12 -31.26
CA SER B 280 12.25 -19.98 -30.11
C SER B 280 12.48 -18.51 -29.77
N ASN B 281 13.22 -18.26 -28.69
CA ASN B 281 13.50 -16.90 -28.29
C ASN B 281 14.50 -16.21 -29.21
N ASN B 282 15.23 -17.01 -29.99
CA ASN B 282 16.12 -16.49 -31.02
C ASN B 282 15.40 -16.22 -32.34
N GLU B 283 14.14 -16.66 -32.40
CA GLU B 283 13.28 -16.54 -33.57
C GLU B 283 12.31 -15.33 -33.54
N HIS B 284 12.49 -14.39 -32.62
CA HIS B 284 11.58 -13.24 -32.50
C HIS B 284 10.19 -13.69 -32.09
N ALA B 285 10.12 -14.49 -31.03
CA ALA B 285 8.88 -15.18 -30.64
C ALA B 285 7.68 -14.24 -30.42
N ILE B 286 7.85 -13.09 -29.79
CA ILE B 286 6.67 -12.26 -29.53
C ILE B 286 6.18 -11.55 -30.80
N SER B 287 7.08 -11.29 -31.75
CA SER B 287 6.67 -10.80 -33.08
C SER B 287 5.68 -11.76 -33.69
N HIS B 288 6.02 -13.04 -33.67
CA HIS B 288 5.19 -14.07 -34.29
C HIS B 288 3.86 -14.23 -33.55
N VAL B 289 3.93 -14.37 -32.22
CA VAL B 289 2.73 -14.48 -31.40
C VAL B 289 1.78 -13.31 -31.69
N LEU B 290 2.32 -12.10 -31.73
CA LEU B 290 1.51 -10.92 -31.96
C LEU B 290 0.92 -10.90 -33.35
N LYS B 291 1.68 -11.40 -34.30
CA LYS B 291 1.24 -11.47 -35.70
C LYS B 291 0.03 -12.37 -35.80
N THR B 292 0.19 -13.58 -35.27
CA THR B 292 -0.81 -14.62 -35.36
C THR B 292 -2.07 -14.32 -34.53
N PHE B 293 -1.87 -14.01 -33.26
CA PHE B 293 -3.00 -13.84 -32.35
C PHE B 293 -3.62 -12.45 -32.32
N CYS B 294 -2.91 -11.44 -32.84
CA CYS B 294 -3.37 -10.06 -32.73
C CYS B 294 -3.36 -9.25 -34.03
N ASP B 295 -2.19 -9.05 -34.63
CA ASP B 295 -2.11 -8.31 -35.89
C ASP B 295 -2.84 -9.08 -36.99
#